data_7O39
#
_entry.id   7O39
#
_cell.length_a   28.108
_cell.length_b   39.175
_cell.length_c   111.249
_cell.angle_alpha   90.000
_cell.angle_beta   90.000
_cell.angle_gamma   90.000
#
_symmetry.space_group_name_H-M   'P 21 21 21'
#
loop_
_entity.id
_entity.type
_entity.pdbx_description
1 polymer DivIVA
2 water water
#
_entity_poly.entity_id   1
_entity_poly.type   'polypeptide(L)'
_entity_poly.pdbx_seq_one_letter_code
;GPPFTPNEIKNKEFSRVKNGLEPTEVANFLEQLSTEIERLKEDKKQLEKVIEERDTNIK
;
_entity_poly.pdbx_strand_id   A,B
#
# COMPACT_ATOMS: atom_id res chain seq x y z
N PHE A 4 2.96 4.73 -6.94
CA PHE A 4 1.75 3.88 -6.98
C PHE A 4 0.53 4.79 -6.84
N THR A 5 0.04 5.31 -7.96
CA THR A 5 -1.15 6.14 -7.91
C THR A 5 -2.37 5.28 -7.60
N PRO A 6 -3.44 5.89 -7.10
CA PRO A 6 -4.65 5.09 -6.85
C PRO A 6 -5.11 4.31 -8.07
N ASN A 7 -5.09 4.93 -9.25
CA ASN A 7 -5.59 4.23 -10.42
C ASN A 7 -4.63 3.14 -10.88
N GLU A 8 -3.32 3.32 -10.69
CA GLU A 8 -2.41 2.22 -10.99
C GLU A 8 -2.71 1.01 -10.11
N ILE A 9 -2.97 1.24 -8.84
CA ILE A 9 -3.24 0.14 -7.91
C ILE A 9 -4.55 -0.55 -8.29
N LYS A 10 -5.59 0.24 -8.51
CA LYS A 10 -6.90 -0.35 -8.75
C LYS A 10 -6.99 -1.00 -10.13
N ASN A 11 -6.19 -0.56 -11.09
CA ASN A 11 -6.22 -1.08 -12.44
C ASN A 11 -5.25 -2.22 -12.68
N LYS A 12 -4.42 -2.55 -11.69
CA LYS A 12 -3.48 -3.65 -11.83
C LYS A 12 -4.25 -4.92 -12.15
N GLU A 13 -3.78 -5.65 -13.16
CA GLU A 13 -4.42 -6.89 -13.59
C GLU A 13 -3.64 -8.09 -13.07
N PHE A 14 -4.37 -9.15 -12.76
CA PHE A 14 -3.78 -10.40 -12.32
C PHE A 14 -4.34 -11.53 -13.17
N SER A 15 -3.49 -12.53 -13.43
CA SER A 15 -3.95 -13.69 -14.15
C SER A 15 -4.93 -14.48 -13.31
N ARG A 16 -5.78 -15.25 -13.98
CA ARG A 16 -6.76 -16.11 -13.34
C ARG A 16 -6.29 -17.55 -13.43
N VAL A 17 -6.50 -18.31 -12.35
CA VAL A 17 -6.01 -19.68 -12.28
C VAL A 17 -7.08 -20.55 -11.66
N LYS A 18 -6.85 -21.87 -11.75
CA LYS A 18 -7.83 -22.86 -11.35
C LYS A 18 -8.38 -22.59 -9.95
N ASN A 19 -7.47 -22.42 -8.99
CA ASN A 19 -7.82 -22.13 -7.60
C ASN A 19 -6.99 -20.92 -7.20
N GLY A 20 -7.65 -19.80 -7.00
CA GLY A 20 -6.90 -18.61 -6.68
C GLY A 20 -7.62 -17.77 -5.66
N LEU A 21 -7.18 -16.54 -5.52
CA LEU A 21 -7.70 -15.65 -4.49
C LEU A 21 -9.01 -15.01 -4.95
N GLU A 22 -9.93 -14.85 -4.00
CA GLU A 22 -11.22 -14.20 -4.26
C GLU A 22 -10.98 -12.79 -4.81
N PRO A 23 -11.42 -12.50 -6.05
CA PRO A 23 -11.02 -11.21 -6.65
C PRO A 23 -11.55 -9.98 -5.94
N THR A 24 -12.77 -10.03 -5.39
CA THR A 24 -13.32 -8.85 -4.74
C THR A 24 -12.64 -8.59 -3.40
N GLU A 25 -12.31 -9.65 -2.65
CA GLU A 25 -11.55 -9.45 -1.41
C GLU A 25 -10.24 -8.77 -1.70
N VAL A 26 -9.55 -9.21 -2.76
CA VAL A 26 -8.28 -8.58 -3.11
C VAL A 26 -8.49 -7.12 -3.52
N ALA A 27 -9.47 -6.86 -4.40
CA ALA A 27 -9.73 -5.48 -4.83
C ALA A 27 -10.01 -4.58 -3.64
N ASN A 28 -10.81 -5.06 -2.68
CA ASN A 28 -11.16 -4.23 -1.54
C ASN A 28 -9.93 -3.92 -0.68
N PHE A 29 -9.04 -4.89 -0.53
CA PHE A 29 -7.84 -4.69 0.26
C PHE A 29 -6.89 -3.73 -0.44
N LEU A 30 -6.75 -3.86 -1.76
CA LEU A 30 -5.92 -2.93 -2.51
C LEU A 30 -6.45 -1.50 -2.40
N GLU A 31 -7.77 -1.33 -2.38
CA GLU A 31 -8.33 0.00 -2.19
C GLU A 31 -7.94 0.57 -0.82
N GLN A 32 -7.97 -0.26 0.22
CA GLN A 32 -7.54 0.18 1.54
C GLN A 32 -6.07 0.57 1.55
N LEU A 33 -5.22 -0.21 0.90
CA LEU A 33 -3.80 0.13 0.86
C LEU A 33 -3.56 1.42 0.09
N SER A 34 -4.29 1.64 -1.00
CA SER A 34 -4.16 2.90 -1.74
C SER A 34 -4.54 4.09 -0.86
N THR A 35 -5.62 3.97 -0.11
CA THR A 35 -6.01 5.04 0.80
C THR A 35 -4.90 5.33 1.82
N GLU A 36 -4.29 4.28 2.38
CA GLU A 36 -3.21 4.48 3.34
C GLU A 36 -2.05 5.22 2.69
N ILE A 37 -1.67 4.81 1.47
CA ILE A 37 -0.59 5.46 0.74
C ILE A 37 -0.91 6.93 0.50
N GLU A 38 -2.12 7.21 0.02
CA GLU A 38 -2.48 8.60 -0.25
C GLU A 38 -2.44 9.45 1.02
N ARG A 39 -2.90 8.87 2.12
CA ARG A 39 -2.87 9.62 3.39
C ARG A 39 -1.45 9.92 3.83
N LEU A 40 -0.55 8.95 3.67
CA LEU A 40 0.85 9.19 4.03
C LEU A 40 1.48 10.25 3.14
N LYS A 41 1.15 10.25 1.85
CA LYS A 41 1.68 11.28 0.96
C LYS A 41 1.18 12.65 1.38
N GLU A 42 -0.09 12.73 1.79
CA GLU A 42 -0.65 13.99 2.28
C GLU A 42 0.04 14.45 3.55
N ASP A 43 0.31 13.51 4.47
CA ASP A 43 1.03 13.85 5.70
C ASP A 43 2.40 14.44 5.37
N LYS A 44 3.12 13.81 4.44
CA LYS A 44 4.42 14.33 4.03
C LYS A 44 4.29 15.74 3.48
N LYS A 45 3.30 15.98 2.62
CA LYS A 45 3.15 17.31 2.05
C LYS A 45 2.89 18.35 3.14
N GLN A 46 2.10 17.97 4.16
CA GLN A 46 1.84 18.89 5.27
C GLN A 46 3.12 19.23 6.02
N LEU A 47 3.94 18.21 6.30
CA LEU A 47 5.20 18.44 7.00
C LEU A 47 6.15 19.29 6.17
N GLU A 48 6.23 19.01 4.87
CA GLU A 48 7.09 19.81 3.99
C GLU A 48 6.65 21.28 3.99
N LYS A 49 5.34 21.52 4.05
CA LYS A 49 4.86 22.90 4.07
C LYS A 49 5.22 23.59 5.38
N VAL A 50 5.14 22.87 6.51
CA VAL A 50 5.56 23.44 7.78
C VAL A 50 7.03 23.84 7.71
N ILE A 51 7.86 23.01 7.11
CA ILE A 51 9.29 23.30 6.98
C ILE A 51 9.50 24.50 6.05
N GLU A 52 8.78 24.54 4.93
CA GLU A 52 8.98 25.64 3.98
C GLU A 52 8.54 26.97 4.58
N GLU A 53 7.48 26.96 5.38
CA GLU A 53 7.00 28.20 5.98
C GLU A 53 7.93 28.69 7.08
N ARG A 54 8.70 27.79 7.69
CA ARG A 54 9.73 28.15 8.67
C ARG A 54 9.10 28.72 9.94
N PHE B 4 -2.28 -1.64 8.91
CA PHE B 4 -1.68 -2.17 7.69
C PHE B 4 -0.17 -2.26 7.84
N THR B 5 0.28 -3.01 8.83
CA THR B 5 1.70 -3.19 9.03
C THR B 5 2.25 -4.18 8.01
N PRO B 6 3.57 -4.20 7.79
CA PRO B 6 4.14 -5.19 6.87
C PRO B 6 3.79 -6.62 7.24
N ASN B 7 3.80 -6.97 8.52
CA ASN B 7 3.50 -8.35 8.91
C ASN B 7 2.05 -8.71 8.56
N GLU B 8 1.12 -7.79 8.77
CA GLU B 8 -0.27 -8.03 8.36
C GLU B 8 -0.37 -8.19 6.85
N ILE B 9 0.21 -7.25 6.10
CA ILE B 9 0.10 -7.31 4.64
C ILE B 9 0.78 -8.56 4.11
N LYS B 10 1.95 -8.89 4.65
CA LYS B 10 2.70 -10.03 4.17
C LYS B 10 2.08 -11.36 4.57
N ASN B 11 1.23 -11.37 5.59
CA ASN B 11 0.52 -12.57 6.02
C ASN B 11 -0.96 -12.48 5.70
N LYS B 12 -1.31 -11.65 4.73
CA LYS B 12 -2.71 -11.44 4.36
C LYS B 12 -3.22 -12.65 3.60
N GLU B 13 -4.17 -13.36 4.19
CA GLU B 13 -4.83 -14.46 3.50
C GLU B 13 -6.14 -13.96 2.91
N PHE B 14 -6.53 -14.60 1.82
CA PHE B 14 -7.79 -14.36 1.15
C PHE B 14 -8.48 -15.70 0.95
N SER B 15 -9.80 -15.67 0.85
CA SER B 15 -10.54 -16.87 0.51
C SER B 15 -10.06 -17.41 -0.83
N ARG B 16 -10.04 -18.74 -0.95
CA ARG B 16 -9.67 -19.41 -2.19
C ARG B 16 -10.94 -19.82 -2.93
N VAL B 17 -10.97 -19.54 -4.23
CA VAL B 17 -12.15 -19.80 -5.05
C VAL B 17 -11.68 -20.38 -6.37
N LYS B 18 -12.59 -21.11 -7.02
CA LYS B 18 -12.34 -21.51 -8.38
C LYS B 18 -12.25 -20.26 -9.26
N ASN B 19 -11.26 -20.26 -10.13
CA ASN B 19 -11.04 -19.19 -11.10
C ASN B 19 -10.70 -17.85 -10.43
N GLY B 20 -9.91 -17.90 -9.37
CA GLY B 20 -9.47 -16.71 -8.68
C GLY B 20 -8.16 -16.16 -9.21
N LEU B 21 -7.68 -15.12 -8.53
CA LEU B 21 -6.45 -14.45 -8.93
C LEU B 21 -5.23 -15.27 -8.54
N GLU B 22 -4.22 -15.23 -9.40
CA GLU B 22 -2.96 -15.93 -9.18
C GLU B 22 -2.37 -15.51 -7.83
N PRO B 23 -2.23 -16.43 -6.86
CA PRO B 23 -1.86 -15.99 -5.50
C PRO B 23 -0.48 -15.36 -5.40
N THR B 24 0.49 -15.84 -6.18
CA THR B 24 1.85 -15.30 -6.07
C THR B 24 1.95 -13.92 -6.70
N GLU B 25 1.26 -13.69 -7.83
CA GLU B 25 1.22 -12.34 -8.41
C GLU B 25 0.65 -11.34 -7.42
N VAL B 26 -0.43 -11.71 -6.74
CA VAL B 26 -1.02 -10.80 -5.75
C VAL B 26 -0.03 -10.56 -4.61
N ALA B 27 0.57 -11.63 -4.08
CA ALA B 27 1.52 -11.47 -2.98
C ALA B 27 2.66 -10.55 -3.37
N ASN B 28 3.19 -10.68 -4.59
CA ASN B 28 4.31 -9.85 -4.99
C ASN B 28 3.91 -8.38 -5.07
N PHE B 29 2.69 -8.10 -5.53
CA PHE B 29 2.23 -6.72 -5.57
C PHE B 29 2.00 -6.18 -4.15
N LEU B 30 1.42 -7.00 -3.27
CA LEU B 30 1.25 -6.57 -1.89
C LEU B 30 2.58 -6.25 -1.22
N GLU B 31 3.64 -7.01 -1.55
CA GLU B 31 4.96 -6.71 -1.01
C GLU B 31 5.43 -5.33 -1.46
N GLN B 32 5.20 -5.00 -2.74
CA GLN B 32 5.59 -3.68 -3.23
C GLN B 32 4.82 -2.57 -2.50
N LEU B 33 3.54 -2.79 -2.26
CA LEU B 33 2.74 -1.76 -1.58
C LEU B 33 3.16 -1.62 -0.13
N SER B 34 3.41 -2.73 0.55
CA SER B 34 3.87 -2.67 1.92
C SER B 34 5.19 -1.91 2.01
N THR B 35 6.11 -2.18 1.07
CA THR B 35 7.39 -1.48 1.06
C THR B 35 7.18 0.02 0.87
N GLU B 36 6.27 0.39 -0.02
CA GLU B 36 5.99 1.80 -0.24
C GLU B 36 5.47 2.46 1.04
N ILE B 37 4.53 1.80 1.72
CA ILE B 37 4.01 2.33 2.98
C ILE B 37 5.13 2.50 4.01
N GLU B 38 5.97 1.47 4.16
CA GLU B 38 7.06 1.56 5.13
C GLU B 38 7.98 2.72 4.82
N ARG B 39 8.28 2.94 3.54
CA ARG B 39 9.17 4.01 3.14
C ARG B 39 8.55 5.38 3.37
N LEU B 40 7.26 5.52 3.11
CA LEU B 40 6.60 6.80 3.38
C LEU B 40 6.61 7.11 4.87
N LYS B 41 6.45 6.09 5.72
CA LYS B 41 6.52 6.30 7.16
C LYS B 41 7.92 6.75 7.58
N GLU B 42 8.96 6.15 6.97
CA GLU B 42 10.33 6.61 7.22
C GLU B 42 10.51 8.05 6.78
N ASP B 43 9.98 8.41 5.61
CA ASP B 43 10.09 9.77 5.10
C ASP B 43 9.45 10.75 6.07
N LYS B 44 8.28 10.40 6.62
CA LYS B 44 7.63 11.27 7.59
C LYS B 44 8.50 11.47 8.83
N LYS B 45 9.11 10.39 9.32
CA LYS B 45 9.96 10.51 10.51
C LYS B 45 11.14 11.42 10.24
N GLN B 46 11.70 11.38 9.02
CA GLN B 46 12.80 12.27 8.69
C GLN B 46 12.35 13.72 8.67
N LEU B 47 11.15 13.99 8.14
CA LEU B 47 10.65 15.36 8.13
C LEU B 47 10.34 15.84 9.54
N GLU B 48 9.79 14.97 10.38
CA GLU B 48 9.54 15.32 11.77
C GLU B 48 10.85 15.62 12.48
N LYS B 49 11.92 14.92 12.14
CA LYS B 49 13.22 15.19 12.72
C LYS B 49 13.73 16.58 12.33
N VAL B 50 13.56 16.95 11.06
CA VAL B 50 13.93 18.30 10.62
C VAL B 50 13.20 19.34 11.45
N ILE B 51 11.91 19.11 11.70
CA ILE B 51 11.08 20.08 12.42
C ILE B 51 11.49 20.14 13.88
N GLU B 52 11.75 19.00 14.50
CA GLU B 52 12.05 18.99 15.93
C GLU B 52 13.39 19.65 16.24
N GLU B 53 14.34 19.60 15.30
CA GLU B 53 15.66 20.16 15.54
C GLU B 53 15.78 21.64 15.15
N ARG B 54 14.90 22.15 14.30
CA ARG B 54 14.94 23.56 13.92
C ARG B 54 14.31 24.41 15.02
#